data_8UCC
#
_entry.id   8UCC
#
_cell.length_a   88.632
_cell.length_b   118.025
_cell.length_c   140.017
_cell.angle_alpha   90.000
_cell.angle_beta   90.000
_cell.angle_gamma   90.000
#
_symmetry.space_group_name_H-M   'I 2 2 2'
#
loop_
_entity.id
_entity.type
_entity.pdbx_description
1 polymer 'Interleukin-1 receptor-associated kinase 4'
2 polymer 'Interleukin-1 receptor-associated kinase 4'
3 non-polymer (4S)-2-[(1R,4s)-1-methyl-2-oxabicyclo[2.1.1]hexan-4-yl]-N-[(8S)-6-methylpyrazolo[1,5-a]pyrimidin-3-yl]-7-[(propan-2-yl)oxy]imidazo[1,2-a]pyrimidine-6-carboxamide
4 water water
#
loop_
_entity_poly.entity_id
_entity_poly.type
_entity_poly.pdbx_seq_one_letter_code
_entity_poly.pdbx_strand_id
1 'polypeptide(L)'
;ENKSLEVSDTRFHSFSFYELKNVTNNFDERPISVGGNKMGEGGFGVVYKGYVNNTTVAVKKLAAMVDITTEELKQQFDQE
IKVMAKCQHENLVELLGFSSDGDDLCLVYVYMPNGSLLDRLSCLDGTPPLSWHMRCKIAQGAANGINFLHENHHIHRDIK
SANILLDEAFTAKISDFGLARASEKFAQTVM(TPO)(SEP)RIVGTTAYMAPEALRGEITPKSDIYSFGVVLLEIITGLP
AVDEHREPQLLLDIKEEIEDEEKTIEDYIDKKMNDADSTSVEAMYSVASQCLHEKKNKRPDIKKVQQLLQEMTAS
;
A
2 'polypeptide(L)'
;ENKSLEVSDTRFHSFSFYELKNVTNNFDERPISVGGNKMGEGGFGVVYKGYVNNTTVAVKKLAAMVDITTEELKQQFDQE
IKVMAKCQHENLVELLGFSSDGDDLCLVYVYMPNGSLLDRLSCLDGTPPLSWHMRCKIAQGAANGINFLHENHHIHRDIK
SANILLDEAFTAKISDFGLARASEKFAQTVM(TPO)SRIVGTTAYMAPEALRGEITPKSDIYSFGVVLLEIITGLPAVDE
HREPQLLLDIKEEIEDEEKTIEDYIDKKMNDADSTSVEAMYSVASQCLHEKKNKRPDIKKVQQLLQEMTAS
;
B
#
loop_
_chem_comp.id
_chem_comp.type
_chem_comp.name
_chem_comp.formula
WFQ non-polymer (4S)-2-[(1R,4s)-1-methyl-2-oxabicyclo[2.1.1]hexan-4-yl]-N-[(8S)-6-methylpyrazolo[1,5-a]pyrimidin-3-yl]-7-[(propan-2-yl)oxy]imidazo[1,2-a]pyrimidine-6-carboxamide 'C23 H25 N7 O3'
#
# COMPACT_ATOMS: atom_id res chain seq x y z
N VAL A 7 21.59 -31.04 -14.89
CA VAL A 7 21.93 -30.33 -13.67
C VAL A 7 20.65 -29.67 -13.08
N SER A 8 20.71 -29.22 -11.82
CA SER A 8 19.48 -28.80 -11.15
C SER A 8 19.16 -27.32 -11.34
N ASP A 9 20.15 -26.51 -11.75
CA ASP A 9 20.01 -25.10 -12.13
C ASP A 9 19.74 -24.14 -10.96
N THR A 10 18.70 -23.32 -11.07
CA THR A 10 18.32 -22.40 -10.00
C THR A 10 17.48 -23.13 -8.95
N ARG A 11 17.67 -22.76 -7.68
CA ARG A 11 16.89 -23.28 -6.56
C ARG A 11 16.64 -22.16 -5.56
N PHE A 12 15.91 -22.46 -4.50
CA PHE A 12 15.66 -21.46 -3.46
C PHE A 12 16.66 -21.56 -2.30
N HIS A 13 16.88 -20.43 -1.64
CA HIS A 13 17.73 -20.44 -0.45
C HIS A 13 17.11 -21.38 0.59
N SER A 14 17.99 -22.05 1.35
CA SER A 14 17.60 -22.90 2.45
C SER A 14 17.91 -22.15 3.74
N PHE A 15 16.91 -22.02 4.62
CA PHE A 15 17.14 -21.40 5.92
C PHE A 15 17.33 -22.47 6.98
N SER A 16 18.12 -22.13 8.00
CA SER A 16 18.15 -22.93 9.21
C SER A 16 16.81 -22.82 9.91
N PHE A 17 16.26 -23.95 10.32
CA PHE A 17 15.07 -23.91 11.17
C PHE A 17 15.31 -23.03 12.40
N TYR A 18 16.51 -23.11 12.98
CA TYR A 18 16.82 -22.33 14.16
C TYR A 18 16.92 -20.84 13.87
N GLU A 19 17.33 -20.45 12.66
CA GLU A 19 17.33 -19.03 12.35
C GLU A 19 15.91 -18.51 12.21
N LEU A 20 15.02 -19.28 11.56
CA LEU A 20 13.62 -18.89 11.45
C LEU A 20 12.97 -18.88 12.82
N LYS A 21 13.20 -19.94 13.61
CA LYS A 21 12.75 -19.95 14.98
C LYS A 21 13.23 -18.69 15.68
N ASN A 22 14.47 -18.29 15.41
CA ASN A 22 15.04 -17.17 16.12
C ASN A 22 14.38 -15.84 15.72
N VAL A 23 14.17 -15.62 14.42
CA VAL A 23 13.66 -14.32 13.98
C VAL A 23 12.13 -14.20 14.04
N THR A 24 11.42 -15.26 14.41
CA THR A 24 10.01 -15.19 14.73
C THR A 24 9.77 -15.22 16.23
N ASN A 25 10.81 -14.93 17.04
CA ASN A 25 10.70 -14.95 18.50
C ASN A 25 10.19 -16.31 18.99
N ASN A 26 10.80 -17.37 18.47
CA ASN A 26 10.44 -18.76 18.78
C ASN A 26 9.01 -19.08 18.37
N PHE A 27 8.62 -18.62 17.18
CA PHE A 27 7.28 -18.84 16.64
C PHE A 27 6.19 -18.42 17.63
N ASP A 28 6.32 -17.19 18.11
CA ASP A 28 5.38 -16.65 19.07
C ASP A 28 3.95 -16.54 18.51
N GLU A 29 3.02 -17.39 18.96
CA GLU A 29 1.67 -17.32 18.37
C GLU A 29 0.81 -16.17 18.89
N ARG A 30 1.35 -15.23 19.61
CA ARG A 30 0.53 -14.08 19.96
C ARG A 30 0.40 -13.10 18.80
N PRO A 31 -0.70 -12.34 18.75
CA PRO A 31 -0.88 -11.33 17.71
C PRO A 31 0.17 -10.23 17.77
N ILE A 32 0.34 -9.58 16.61
CA ILE A 32 1.37 -8.57 16.46
C ILE A 32 1.14 -7.42 17.43
N SER A 33 -0.13 -7.05 17.64
CA SER A 33 -0.47 -5.94 18.53
C SER A 33 -0.08 -6.25 19.97
N VAL A 34 -0.16 -7.53 20.37
CA VAL A 34 0.22 -7.98 21.71
C VAL A 34 1.74 -8.14 21.87
N GLY A 35 2.52 -7.92 20.81
CA GLY A 35 3.95 -8.16 20.83
C GLY A 35 4.41 -9.50 20.27
N GLY A 36 3.49 -10.37 19.86
CA GLY A 36 3.83 -11.66 19.27
C GLY A 36 4.08 -11.53 17.77
N ASN A 37 4.02 -12.67 17.09
CA ASN A 37 4.42 -12.77 15.69
C ASN A 37 3.38 -13.38 14.78
N LYS A 38 2.26 -13.86 15.31
CA LYS A 38 1.24 -14.54 14.50
C LYS A 38 0.46 -13.51 13.70
N MET A 39 0.47 -13.67 12.37
CA MET A 39 -0.33 -12.86 11.47
C MET A 39 -1.56 -13.56 10.88
N GLY A 40 -1.58 -14.90 10.85
CA GLY A 40 -2.71 -15.57 10.28
C GLY A 40 -2.45 -17.05 10.31
N GLU A 41 -3.47 -17.78 9.91
CA GLU A 41 -3.34 -19.23 9.92
C GLU A 41 -4.31 -19.82 8.91
N GLY A 42 -4.03 -21.05 8.51
CA GLY A 42 -4.90 -21.76 7.59
C GLY A 42 -5.00 -23.22 7.94
N GLY A 43 -5.50 -24.03 7.01
CA GLY A 43 -5.62 -25.45 7.25
C GLY A 43 -4.30 -26.20 7.24
N PHE A 44 -3.22 -25.58 6.76
CA PHE A 44 -1.96 -26.28 6.62
C PHE A 44 -0.80 -25.58 7.30
N GLY A 45 -1.04 -24.54 8.08
CA GLY A 45 0.07 -23.87 8.73
C GLY A 45 -0.36 -22.59 9.43
N VAL A 46 0.61 -22.00 10.11
CA VAL A 46 0.47 -20.73 10.78
C VAL A 46 1.55 -19.81 10.20
N VAL A 47 1.21 -18.55 10.00
CA VAL A 47 2.10 -17.58 9.37
C VAL A 47 2.59 -16.59 10.41
N TYR A 48 3.93 -16.48 10.52
CA TYR A 48 4.58 -15.63 11.52
C TYR A 48 5.34 -14.52 10.83
N LYS A 49 5.33 -13.35 11.42
CA LYS A 49 6.17 -12.29 10.92
C LYS A 49 7.61 -12.58 11.36
N GLY A 50 8.56 -12.35 10.47
CA GLY A 50 9.96 -12.53 10.81
C GLY A 50 10.78 -11.39 10.26
N TYR A 51 12.05 -11.33 10.67
CA TYR A 51 12.96 -10.32 10.14
C TYR A 51 14.31 -11.00 9.93
N VAL A 52 14.72 -11.14 8.67
CA VAL A 52 15.99 -11.77 8.29
C VAL A 52 16.70 -10.88 7.28
N ASN A 53 18.01 -10.72 7.45
CA ASN A 53 18.82 -10.04 6.44
C ASN A 53 18.25 -8.64 6.18
N ASN A 54 17.94 -7.92 7.26
CA ASN A 54 17.35 -6.58 7.19
C ASN A 54 16.09 -6.54 6.33
N THR A 55 15.36 -7.66 6.26
CA THR A 55 14.18 -7.79 5.41
C THR A 55 13.04 -8.33 6.28
N THR A 56 11.90 -7.65 6.28
CA THR A 56 10.71 -8.25 6.90
C THR A 56 10.19 -9.40 6.04
N VAL A 57 9.88 -10.55 6.66
CA VAL A 57 9.43 -11.71 5.90
C VAL A 57 8.22 -12.33 6.57
N ALA A 58 7.51 -13.14 5.79
CA ALA A 58 6.43 -13.99 6.29
C ALA A 58 6.92 -15.43 6.36
N VAL A 59 6.81 -16.06 7.51
CA VAL A 59 7.25 -17.46 7.67
C VAL A 59 6.03 -18.31 7.96
N LYS A 60 5.73 -19.24 7.06
CA LYS A 60 4.61 -20.15 7.25
C LYS A 60 5.17 -21.47 7.76
N LYS A 61 4.73 -21.87 8.96
CA LYS A 61 5.20 -23.13 9.55
C LYS A 61 4.09 -24.14 9.38
N LEU A 62 4.34 -25.18 8.57
CA LEU A 62 3.28 -26.12 8.21
C LEU A 62 2.90 -27.04 9.37
N ALA A 63 1.66 -27.52 9.33
CA ALA A 63 1.09 -28.40 10.35
C ALA A 63 -0.25 -28.90 9.82
N ALA A 64 -0.72 -30.02 10.39
CA ALA A 64 -2.00 -30.63 10.00
C ALA A 64 -3.12 -30.05 10.88
N MET A 65 -3.72 -28.95 10.41
CA MET A 65 -4.80 -28.26 11.10
C MET A 65 -6.18 -28.69 10.61
N VAL A 66 -6.26 -29.55 9.59
CA VAL A 66 -7.56 -30.06 9.13
C VAL A 66 -7.50 -31.58 9.08
N ASP A 67 -6.65 -32.17 9.94
CA ASP A 67 -6.52 -33.62 10.04
C ASP A 67 -6.08 -34.22 8.71
N ILE A 68 -5.03 -33.64 8.13
CA ILE A 68 -4.37 -34.20 6.97
C ILE A 68 -3.22 -35.08 7.45
N THR A 69 -2.68 -35.90 6.54
CA THR A 69 -1.55 -36.77 6.86
C THR A 69 -0.23 -36.05 6.68
N THR A 70 0.83 -36.60 7.28
CA THR A 70 2.14 -35.98 7.20
C THR A 70 2.73 -36.09 5.79
N GLU A 71 2.52 -37.24 5.13
CA GLU A 71 2.99 -37.42 3.76
C GLU A 71 2.29 -36.47 2.80
N GLU A 72 0.97 -36.29 2.98
CA GLU A 72 0.25 -35.35 2.12
C GLU A 72 0.78 -33.94 2.31
N LEU A 73 1.06 -33.54 3.56
CA LEU A 73 1.59 -32.21 3.83
C LEU A 73 2.96 -32.02 3.19
N LYS A 74 3.84 -33.02 3.34
CA LYS A 74 5.13 -32.97 2.66
C LYS A 74 4.96 -32.84 1.15
N GLN A 75 3.99 -33.57 0.59
CA GLN A 75 3.71 -33.43 -0.85
C GLN A 75 3.30 -32.01 -1.19
N GLN A 76 2.44 -31.39 -0.38
CA GLN A 76 1.99 -30.05 -0.72
C GLN A 76 3.13 -29.06 -0.61
N PHE A 77 3.94 -29.20 0.44
CA PHE A 77 5.18 -28.43 0.60
C PHE A 77 6.03 -28.53 -0.67
N ASP A 78 6.26 -29.75 -1.13
CA ASP A 78 7.06 -29.93 -2.35
C ASP A 78 6.37 -29.30 -3.55
N GLN A 79 5.04 -29.43 -3.64
CA GLN A 79 4.36 -28.85 -4.80
C GLN A 79 4.51 -27.34 -4.83
N GLU A 80 4.32 -26.68 -3.69
CA GLU A 80 4.38 -25.23 -3.74
C GLU A 80 5.77 -24.75 -4.17
N ILE A 81 6.85 -25.38 -3.67
CA ILE A 81 8.20 -25.06 -4.13
C ILE A 81 8.34 -25.28 -5.62
N LYS A 82 7.81 -26.42 -6.13
CA LYS A 82 7.87 -26.70 -7.57
C LYS A 82 7.18 -25.60 -8.37
N VAL A 83 5.95 -25.25 -7.96
CA VAL A 83 5.20 -24.23 -8.68
C VAL A 83 5.88 -22.88 -8.58
N MET A 84 6.34 -22.51 -7.39
CA MET A 84 6.96 -21.20 -7.18
C MET A 84 8.26 -21.09 -7.97
N ALA A 85 8.95 -22.22 -8.19
CA ALA A 85 10.15 -22.21 -9.01
C ALA A 85 9.84 -21.82 -10.45
N LYS A 86 8.72 -22.35 -10.98
CA LYS A 86 8.36 -22.10 -12.38
C LYS A 86 7.61 -20.79 -12.57
N CYS A 87 6.77 -20.39 -11.59
CA CYS A 87 5.81 -19.29 -11.77
C CYS A 87 6.27 -18.02 -11.05
N GLN A 88 6.72 -17.04 -11.82
CA GLN A 88 7.01 -15.71 -11.29
C GLN A 88 6.26 -14.70 -12.13
N HIS A 89 5.55 -13.78 -11.47
CA HIS A 89 4.68 -12.84 -12.14
C HIS A 89 4.35 -11.77 -11.12
N GLU A 90 3.98 -10.60 -11.63
CA GLU A 90 3.74 -9.46 -10.76
C GLU A 90 2.56 -9.69 -9.80
N ASN A 91 1.65 -10.57 -10.13
CA ASN A 91 0.50 -10.82 -9.26
C ASN A 91 0.55 -12.20 -8.64
N LEU A 92 1.75 -12.73 -8.44
CA LEU A 92 1.92 -13.95 -7.66
C LEU A 92 2.87 -13.66 -6.54
N VAL A 93 2.65 -14.27 -5.36
CA VAL A 93 3.66 -14.00 -4.33
C VAL A 93 4.96 -14.65 -4.73
N GLU A 94 6.04 -14.17 -4.12
CA GLU A 94 7.41 -14.63 -4.38
C GLU A 94 7.90 -15.45 -3.18
N LEU A 95 8.38 -16.67 -3.43
CA LEU A 95 8.98 -17.46 -2.36
C LEU A 95 10.42 -17.05 -2.14
N LEU A 96 10.79 -16.73 -0.90
CA LEU A 96 12.19 -16.43 -0.59
C LEU A 96 13.01 -17.65 -0.22
N GLY A 97 12.40 -18.71 0.27
CA GLY A 97 13.14 -19.85 0.75
C GLY A 97 12.27 -20.77 1.59
N PHE A 98 12.92 -21.79 2.15
CA PHE A 98 12.23 -22.84 2.87
C PHE A 98 13.18 -23.42 3.89
N SER A 99 12.61 -24.15 4.83
CA SER A 99 13.34 -24.88 5.84
C SER A 99 12.76 -26.27 5.86
N SER A 100 13.62 -27.28 5.77
CA SER A 100 13.19 -28.66 5.96
C SER A 100 14.12 -29.45 6.87
N ASP A 101 15.14 -28.81 7.44
CA ASP A 101 16.04 -29.51 8.37
C ASP A 101 15.42 -29.72 9.75
N GLY A 102 14.72 -28.74 10.28
CA GLY A 102 14.32 -28.76 11.68
C GLY A 102 13.06 -29.58 11.93
N ASP A 103 12.41 -29.25 13.05
CA ASP A 103 11.24 -30.02 13.47
C ASP A 103 10.08 -29.92 12.46
N ASP A 104 9.80 -28.72 11.95
CA ASP A 104 8.69 -28.53 11.03
C ASP A 104 9.15 -27.92 9.72
N LEU A 105 8.37 -28.17 8.66
CA LEU A 105 8.58 -27.53 7.37
C LEU A 105 8.17 -26.05 7.43
N CYS A 106 9.01 -25.17 6.85
CA CYS A 106 8.72 -23.74 6.82
C CYS A 106 8.87 -23.22 5.39
N LEU A 107 8.08 -22.21 5.07
CA LEU A 107 8.17 -21.56 3.77
C LEU A 107 8.27 -20.07 4.05
N VAL A 108 9.19 -19.37 3.38
CA VAL A 108 9.50 -18.00 3.69
C VAL A 108 9.20 -17.14 2.48
N TYR A 109 8.44 -16.08 2.70
CA TYR A 109 7.94 -15.24 1.65
C TYR A 109 8.28 -13.80 1.93
N VAL A 110 8.25 -13.01 0.87
CA VAL A 110 8.28 -11.58 1.01
C VAL A 110 7.10 -11.16 1.87
N TYR A 111 7.35 -10.30 2.85
CA TYR A 111 6.29 -9.79 3.70
C TYR A 111 5.34 -8.93 2.89
N MET A 112 4.03 -9.14 3.08
CA MET A 112 3.02 -8.35 2.37
C MET A 112 2.41 -7.35 3.34
N PRO A 113 2.77 -6.07 3.27
CA PRO A 113 2.42 -5.15 4.36
C PRO A 113 0.94 -5.00 4.60
N ASN A 114 0.08 -5.31 3.63
CA ASN A 114 -1.37 -5.16 3.80
C ASN A 114 -2.08 -6.49 3.89
N GLY A 115 -1.33 -7.57 4.09
CA GLY A 115 -1.99 -8.83 4.47
C GLY A 115 -2.88 -9.40 3.38
N SER A 116 -4.00 -9.99 3.78
CA SER A 116 -4.83 -10.66 2.80
C SER A 116 -6.03 -9.77 2.41
N LEU A 117 -6.56 -10.02 1.21
CA LEU A 117 -7.77 -9.33 0.78
C LEU A 117 -8.94 -9.61 1.73
N LEU A 118 -9.06 -10.85 2.14
CA LEU A 118 -10.12 -11.22 3.10
C LEU A 118 -10.04 -10.33 4.33
N ASP A 119 -8.85 -10.18 4.89
CA ASP A 119 -8.68 -9.38 6.11
C ASP A 119 -8.95 -7.91 5.84
N ARG A 120 -8.54 -7.39 4.67
CA ARG A 120 -8.76 -5.98 4.41
C ARG A 120 -10.23 -5.71 4.09
N LEU A 121 -10.92 -6.67 3.49
CA LEU A 121 -12.35 -6.46 3.24
C LEU A 121 -13.12 -6.44 4.55
N SER A 122 -12.58 -7.15 5.55
CA SER A 122 -13.22 -7.19 6.89
C SER A 122 -12.60 -6.12 7.78
N CYS A 123 -11.73 -5.28 7.22
CA CYS A 123 -11.05 -4.21 8.00
C CYS A 123 -10.51 -4.81 9.30
N LEU A 124 -10.09 -6.08 9.27
CA LEU A 124 -9.53 -6.74 10.44
C LEU A 124 -8.48 -5.88 11.12
N ASP A 125 -8.55 -5.82 12.45
CA ASP A 125 -7.62 -5.07 13.28
C ASP A 125 -7.74 -3.57 13.15
N GLY A 126 -8.74 -3.06 12.42
CA GLY A 126 -8.99 -1.63 12.37
C GLY A 126 -8.45 -0.93 11.15
N THR A 127 -8.06 -1.67 10.09
CA THR A 127 -7.54 -0.99 8.91
C THR A 127 -8.72 -0.30 8.21
N PRO A 128 -8.47 0.79 7.51
CA PRO A 128 -9.59 1.51 6.88
C PRO A 128 -10.11 0.73 5.69
N PRO A 129 -11.39 0.88 5.35
CA PRO A 129 -11.99 0.14 4.24
C PRO A 129 -11.31 0.48 2.94
N LEU A 130 -11.17 -0.54 2.09
CA LEU A 130 -10.66 -0.32 0.75
C LEU A 130 -11.63 0.51 -0.08
N SER A 131 -11.06 1.46 -0.84
CA SER A 131 -11.92 2.23 -1.73
C SER A 131 -12.30 1.40 -2.94
N TRP A 132 -13.33 1.86 -3.65
CA TRP A 132 -13.71 1.23 -4.92
C TRP A 132 -12.55 1.26 -5.90
N HIS A 133 -11.81 2.37 -5.94
CA HIS A 133 -10.67 2.45 -6.85
C HIS A 133 -9.65 1.38 -6.52
N MET A 134 -9.34 1.21 -5.22
CA MET A 134 -8.39 0.13 -4.87
C MET A 134 -8.95 -1.26 -5.23
N ARG A 135 -10.22 -1.47 -4.97
CA ARG A 135 -10.83 -2.77 -5.27
C ARG A 135 -10.74 -3.10 -6.76
N CYS A 136 -10.94 -2.11 -7.63
CA CYS A 136 -10.88 -2.38 -9.05
C CYS A 136 -9.49 -2.81 -9.44
N LYS A 137 -8.44 -2.12 -8.91
CA LYS A 137 -7.07 -2.54 -9.17
C LYS A 137 -6.80 -3.93 -8.63
N ILE A 138 -7.37 -4.24 -7.47
CA ILE A 138 -7.12 -5.56 -6.89
C ILE A 138 -7.77 -6.63 -7.76
N ALA A 139 -9.02 -6.40 -8.18
CA ALA A 139 -9.70 -7.39 -9.05
C ALA A 139 -8.92 -7.60 -10.33
N GLN A 140 -8.45 -6.50 -10.94
CA GLN A 140 -7.70 -6.61 -12.19
C GLN A 140 -6.40 -7.38 -11.97
N GLY A 141 -5.68 -7.06 -10.89
CA GLY A 141 -4.40 -7.72 -10.63
C GLY A 141 -4.56 -9.22 -10.36
N ALA A 142 -5.56 -9.59 -9.54
CA ALA A 142 -5.81 -11.01 -9.30
C ALA A 142 -6.16 -11.74 -10.59
N ALA A 143 -6.96 -11.11 -11.45
CA ALA A 143 -7.27 -11.77 -12.72
C ALA A 143 -6.03 -11.92 -13.60
N ASN A 144 -5.12 -10.95 -13.55
CA ASN A 144 -3.86 -11.09 -14.31
C ASN A 144 -3.02 -12.23 -13.75
N GLY A 145 -3.05 -12.41 -12.43
CA GLY A 145 -2.34 -13.52 -11.82
C GLY A 145 -2.92 -14.88 -12.18
N ILE A 146 -4.25 -15.02 -12.10
CA ILE A 146 -4.93 -16.24 -12.56
C ILE A 146 -4.63 -16.48 -14.05
N ASN A 147 -4.64 -15.41 -14.86
CA ASN A 147 -4.35 -15.58 -16.28
C ASN A 147 -2.94 -16.13 -16.50
N PHE A 148 -1.96 -15.61 -15.76
CA PHE A 148 -0.60 -16.16 -15.86
C PHE A 148 -0.60 -17.64 -15.51
N LEU A 149 -1.26 -18.01 -14.41
CA LEU A 149 -1.30 -19.40 -14.00
C LEU A 149 -1.92 -20.26 -15.10
N HIS A 150 -3.07 -19.83 -15.61
CA HIS A 150 -3.76 -20.67 -16.59
C HIS A 150 -3.01 -20.72 -17.91
N GLU A 151 -2.37 -19.61 -18.30
CA GLU A 151 -1.52 -19.57 -19.50
C GLU A 151 -0.40 -20.58 -19.40
N ASN A 152 0.13 -20.78 -18.19
CA ASN A 152 1.20 -21.73 -17.92
C ASN A 152 0.67 -23.06 -17.42
N HIS A 153 -0.57 -23.41 -17.78
CA HIS A 153 -1.15 -24.74 -17.54
C HIS A 153 -1.12 -25.14 -16.06
N HIS A 154 -1.54 -24.23 -15.18
CA HIS A 154 -1.67 -24.53 -13.77
C HIS A 154 -3.08 -24.23 -13.33
N ILE A 155 -3.62 -25.10 -12.49
CA ILE A 155 -4.91 -24.91 -11.86
C ILE A 155 -4.65 -24.63 -10.39
N HIS A 156 -5.21 -23.55 -9.87
CA HIS A 156 -4.84 -23.21 -8.50
C HIS A 156 -5.55 -24.13 -7.51
N ARG A 157 -6.86 -24.32 -7.68
CA ARG A 157 -7.77 -25.16 -6.91
C ARG A 157 -8.18 -24.56 -5.57
N ASP A 158 -7.64 -23.42 -5.16
CA ASP A 158 -8.06 -22.83 -3.89
C ASP A 158 -8.12 -21.29 -3.99
N ILE A 159 -8.70 -20.77 -5.06
CA ILE A 159 -8.86 -19.32 -5.21
C ILE A 159 -9.87 -18.82 -4.19
N LYS A 160 -9.48 -17.81 -3.42
CA LYS A 160 -10.36 -17.25 -2.37
C LYS A 160 -9.68 -15.98 -1.90
N SER A 161 -10.44 -15.12 -1.19
CA SER A 161 -9.81 -13.85 -0.81
C SER A 161 -8.76 -14.02 0.30
N ALA A 162 -8.78 -15.09 1.10
CA ALA A 162 -7.63 -15.32 1.98
C ALA A 162 -6.34 -15.61 1.24
N ASN A 163 -6.41 -16.10 0.00
CA ASN A 163 -5.17 -16.40 -0.75
C ASN A 163 -4.83 -15.33 -1.74
N ILE A 164 -5.45 -14.15 -1.66
CA ILE A 164 -5.00 -13.00 -2.44
C ILE A 164 -4.38 -12.04 -1.43
N LEU A 165 -3.07 -11.86 -1.50
CA LEU A 165 -2.36 -11.01 -0.56
C LEU A 165 -2.13 -9.63 -1.19
N LEU A 166 -1.80 -8.64 -0.35
CA LEU A 166 -1.77 -7.26 -0.77
C LEU A 166 -0.44 -6.60 -0.37
N ASP A 167 0.33 -6.18 -1.36
CA ASP A 167 1.69 -5.70 -1.08
C ASP A 167 1.67 -4.21 -0.69
N GLU A 168 2.85 -3.55 -0.71
CA GLU A 168 3.02 -2.17 -0.21
C GLU A 168 2.24 -1.19 -1.07
N ALA A 169 1.76 -1.62 -2.23
CA ALA A 169 0.98 -0.77 -3.14
C ALA A 169 -0.44 -1.31 -3.31
N PHE A 170 -0.85 -2.22 -2.45
CA PHE A 170 -2.14 -2.89 -2.57
C PHE A 170 -2.25 -3.62 -3.92
N THR A 171 -1.12 -4.10 -4.41
CA THR A 171 -1.14 -4.98 -5.58
C THR A 171 -1.54 -6.38 -5.16
N ALA A 172 -2.42 -7.00 -5.94
CA ALA A 172 -2.91 -8.32 -5.58
C ALA A 172 -1.82 -9.36 -5.87
N LYS A 173 -1.58 -10.23 -4.91
CA LYS A 173 -0.60 -11.33 -5.10
C LYS A 173 -1.24 -12.65 -4.71
N ILE A 174 -1.44 -13.55 -5.70
CA ILE A 174 -2.06 -14.85 -5.39
C ILE A 174 -1.06 -15.71 -4.65
N SER A 175 -1.52 -16.47 -3.65
CA SER A 175 -0.63 -17.31 -2.85
C SER A 175 -1.19 -18.71 -2.71
N ASP A 176 -0.42 -19.55 -1.99
CA ASP A 176 -0.84 -20.89 -1.57
C ASP A 176 -1.05 -21.87 -2.72
N PHE A 177 0.04 -22.37 -3.28
CA PHE A 177 0.01 -23.27 -4.44
C PHE A 177 0.20 -24.75 -4.06
N GLY A 178 0.02 -25.08 -2.78
CA GLY A 178 0.21 -26.43 -2.28
C GLY A 178 -0.75 -27.46 -2.85
N LEU A 179 -1.88 -27.04 -3.40
CA LEU A 179 -2.81 -27.96 -4.06
C LEU A 179 -2.86 -27.73 -5.56
N ALA A 180 -1.95 -26.93 -6.10
CA ALA A 180 -2.00 -26.61 -7.51
C ALA A 180 -1.84 -27.89 -8.34
N ARG A 181 -2.51 -27.92 -9.49
CA ARG A 181 -2.44 -29.05 -10.42
C ARG A 181 -2.02 -28.56 -11.79
N ALA A 182 -1.18 -29.35 -12.46
CA ALA A 182 -0.94 -29.11 -13.88
C ALA A 182 -2.21 -29.39 -14.66
N SER A 183 -2.45 -28.62 -15.72
CA SER A 183 -3.55 -28.89 -16.64
C SER A 183 -3.04 -29.27 -18.04
N THR A 189 -10.49 -33.12 -18.92
CA THR A 189 -10.79 -32.86 -17.51
C THR A 189 -10.92 -34.19 -16.75
N VAL A 190 -10.24 -34.24 -15.60
CA VAL A 190 -10.03 -35.45 -14.79
C VAL A 190 -10.80 -35.40 -13.47
N MET A 191 -11.04 -36.56 -12.87
CA MET A 191 -11.78 -36.62 -11.62
C MET A 191 -10.86 -37.23 -10.53
N TPO A 192 -10.71 -36.57 -9.39
CA TPO A 192 -9.89 -37.06 -8.27
CB TPO A 192 -8.96 -35.92 -7.72
CG2 TPO A 192 -9.86 -34.77 -7.22
OG1 TPO A 192 -8.23 -36.41 -6.58
P TPO A 192 -6.71 -36.90 -6.92
O1P TPO A 192 -6.65 -38.50 -6.76
O2P TPO A 192 -6.25 -36.43 -8.27
O3P TPO A 192 -5.77 -36.32 -5.76
C TPO A 192 -10.72 -37.62 -7.12
O TPO A 192 -11.85 -37.20 -6.90
N SEP A 193 -10.14 -38.53 -6.34
CA SEP A 193 -10.79 -39.11 -5.19
CB SEP A 193 -10.23 -40.52 -4.92
C SEP A 193 -10.63 -38.23 -3.93
O SEP A 193 -11.41 -38.36 -2.98
N ARG A 194 -9.65 -37.33 -3.92
CA ARG A 194 -9.46 -36.45 -2.75
C ARG A 194 -10.01 -35.05 -3.02
N ILE A 195 -11.20 -34.75 -2.53
CA ILE A 195 -11.78 -33.44 -2.81
C ILE A 195 -11.21 -32.41 -1.83
N VAL A 196 -10.66 -31.33 -2.38
CA VAL A 196 -9.99 -30.32 -1.57
C VAL A 196 -10.43 -28.93 -2.04
N GLY A 197 -10.27 -27.96 -1.15
CA GLY A 197 -10.65 -26.60 -1.42
C GLY A 197 -11.52 -26.07 -0.32
N THR A 198 -12.12 -24.90 -0.57
CA THR A 198 -12.89 -24.20 0.44
C THR A 198 -14.32 -24.16 -0.04
N THR A 199 -15.20 -24.87 0.68
CA THR A 199 -16.56 -25.17 0.22
C THR A 199 -17.28 -23.94 -0.30
N ALA A 200 -17.18 -22.82 0.42
CA ALA A 200 -17.97 -21.64 0.06
C ALA A 200 -17.56 -21.02 -1.27
N TYR A 201 -16.37 -21.36 -1.81
CA TYR A 201 -15.88 -20.82 -3.06
C TYR A 201 -15.93 -21.79 -4.24
N MET A 202 -16.27 -23.05 -4.00
CA MET A 202 -15.98 -24.14 -4.92
C MET A 202 -17.10 -24.24 -5.93
N ALA A 203 -16.73 -24.46 -7.19
CA ALA A 203 -17.67 -24.76 -8.25
C ALA A 203 -18.33 -26.12 -7.97
N PRO A 204 -19.56 -26.35 -8.45
CA PRO A 204 -20.18 -27.67 -8.20
C PRO A 204 -19.36 -28.84 -8.74
N GLU A 205 -18.77 -28.69 -9.92
CA GLU A 205 -17.94 -29.77 -10.45
C GLU A 205 -16.71 -30.00 -9.60
N ALA A 206 -16.09 -28.93 -9.07
CA ALA A 206 -15.00 -29.16 -8.14
C ALA A 206 -15.49 -29.91 -6.91
N LEU A 207 -16.72 -29.62 -6.46
CA LEU A 207 -17.22 -30.28 -5.27
C LEU A 207 -17.46 -31.76 -5.53
N ARG A 208 -17.65 -32.12 -6.78
CA ARG A 208 -17.87 -33.53 -7.14
C ARG A 208 -16.58 -34.24 -7.53
N GLY A 209 -15.42 -33.56 -7.40
CA GLY A 209 -14.13 -34.17 -7.68
C GLY A 209 -13.49 -33.86 -9.01
N GLU A 210 -14.11 -33.07 -9.88
CA GLU A 210 -13.51 -32.77 -11.17
C GLU A 210 -12.39 -31.74 -11.01
N ILE A 211 -11.37 -31.84 -11.86
CA ILE A 211 -10.25 -30.91 -11.83
C ILE A 211 -10.15 -30.19 -13.16
N THR A 212 -10.27 -28.86 -13.12
CA THR A 212 -10.36 -28.04 -14.34
C THR A 212 -10.16 -26.56 -14.02
N PRO A 213 -9.47 -25.82 -14.89
CA PRO A 213 -9.31 -24.37 -14.65
C PRO A 213 -10.63 -23.61 -14.63
N LYS A 214 -11.70 -24.20 -15.18
CA LYS A 214 -13.01 -23.56 -15.10
C LYS A 214 -13.46 -23.41 -13.66
N SER A 215 -12.96 -24.26 -12.76
CA SER A 215 -13.33 -24.15 -11.37
C SER A 215 -12.67 -22.92 -10.72
N ASP A 216 -11.48 -22.54 -11.18
CA ASP A 216 -10.84 -21.33 -10.68
C ASP A 216 -11.67 -20.10 -11.01
N ILE A 217 -12.26 -20.10 -12.23
CA ILE A 217 -13.08 -18.98 -12.70
C ILE A 217 -14.31 -18.79 -11.80
N TYR A 218 -15.00 -19.88 -11.47
CA TYR A 218 -16.13 -19.82 -10.56
C TYR A 218 -15.73 -19.23 -9.19
N SER A 219 -14.64 -19.73 -8.63
CA SER A 219 -14.18 -19.26 -7.32
C SER A 219 -13.81 -17.78 -7.35
N PHE A 220 -13.19 -17.34 -8.45
CA PHE A 220 -12.88 -15.93 -8.65
C PHE A 220 -14.14 -15.09 -8.70
N GLY A 221 -15.21 -15.63 -9.30
CA GLY A 221 -16.48 -14.93 -9.26
C GLY A 221 -16.97 -14.71 -7.85
N VAL A 222 -16.77 -15.69 -6.95
CA VAL A 222 -17.14 -15.48 -5.54
C VAL A 222 -16.29 -14.35 -4.94
N VAL A 223 -14.99 -14.36 -5.21
CA VAL A 223 -14.10 -13.28 -4.76
C VAL A 223 -14.60 -11.93 -5.23
N LEU A 224 -15.02 -11.82 -6.49
CA LEU A 224 -15.57 -10.55 -6.98
C LEU A 224 -16.82 -10.14 -6.19
N LEU A 225 -17.70 -11.10 -5.83
CA LEU A 225 -18.82 -10.73 -4.99
C LEU A 225 -18.35 -10.22 -3.63
N GLU A 226 -17.31 -10.83 -3.04
CA GLU A 226 -16.75 -10.31 -1.79
C GLU A 226 -16.25 -8.89 -1.97
N ILE A 227 -15.60 -8.63 -3.10
CA ILE A 227 -15.06 -7.28 -3.36
C ILE A 227 -16.17 -6.26 -3.47
N ILE A 228 -17.23 -6.61 -4.18
CA ILE A 228 -18.34 -5.68 -4.37
C ILE A 228 -19.09 -5.39 -3.07
N THR A 229 -19.33 -6.43 -2.25
CA THR A 229 -20.25 -6.35 -1.10
C THR A 229 -19.55 -6.20 0.23
N GLY A 230 -18.25 -6.49 0.32
CA GLY A 230 -17.60 -6.55 1.62
C GLY A 230 -18.01 -7.72 2.51
N LEU A 231 -18.77 -8.64 1.97
CA LEU A 231 -19.30 -9.71 2.82
C LEU A 231 -18.43 -10.96 2.66
N PRO A 232 -18.16 -11.75 3.70
CA PRO A 232 -17.39 -12.99 3.50
C PRO A 232 -18.25 -14.02 2.77
N ALA A 233 -17.56 -14.96 2.12
CA ALA A 233 -18.28 -15.92 1.29
C ALA A 233 -19.21 -16.79 2.13
N VAL A 234 -18.90 -16.99 3.41
CA VAL A 234 -19.79 -17.75 4.28
C VAL A 234 -19.81 -17.07 5.64
N ASP A 235 -20.96 -17.05 6.28
CA ASP A 235 -21.06 -16.44 7.60
C ASP A 235 -22.21 -17.18 8.25
N GLU A 236 -21.91 -18.01 9.25
CA GLU A 236 -22.95 -18.91 9.71
C GLU A 236 -24.08 -18.17 10.41
N HIS A 237 -23.86 -16.91 10.84
CA HIS A 237 -24.86 -16.10 11.53
C HIS A 237 -25.59 -15.13 10.60
N ARG A 238 -25.48 -15.31 9.29
CA ARG A 238 -26.09 -14.43 8.32
C ARG A 238 -27.13 -15.21 7.52
N GLU A 239 -28.16 -14.50 7.04
CA GLU A 239 -29.11 -15.04 6.07
C GLU A 239 -29.02 -14.24 4.78
N PRO A 240 -28.65 -14.86 3.64
CA PRO A 240 -28.21 -16.25 3.47
C PRO A 240 -26.83 -16.49 4.04
N GLN A 241 -26.50 -17.73 4.42
CA GLN A 241 -25.20 -17.95 5.01
C GLN A 241 -24.10 -17.96 3.92
N LEU A 242 -24.43 -18.36 2.69
CA LEU A 242 -23.45 -18.42 1.60
C LEU A 242 -23.63 -17.21 0.68
N LEU A 243 -22.53 -16.47 0.44
CA LEU A 243 -22.63 -15.29 -0.40
C LEU A 243 -23.13 -15.64 -1.78
N LEU A 244 -22.71 -16.79 -2.31
CA LEU A 244 -23.09 -17.08 -3.68
C LEU A 244 -24.60 -17.17 -3.85
N ASP A 245 -25.35 -17.39 -2.77
CA ASP A 245 -26.80 -17.37 -2.86
C ASP A 245 -27.39 -15.99 -3.07
N ILE A 246 -26.59 -14.89 -2.99
CA ILE A 246 -27.19 -13.57 -3.25
C ILE A 246 -27.33 -13.36 -4.73
N LYS A 247 -26.51 -14.03 -5.52
CA LYS A 247 -26.72 -13.99 -6.96
C LYS A 247 -28.12 -14.44 -7.30
N GLU A 248 -28.60 -15.50 -6.64
CA GLU A 248 -29.94 -15.94 -6.95
C GLU A 248 -30.99 -14.92 -6.51
N GLU A 249 -30.83 -14.31 -5.34
CA GLU A 249 -31.82 -13.33 -4.88
C GLU A 249 -31.88 -12.13 -5.80
N ILE A 250 -30.73 -11.73 -6.36
CA ILE A 250 -30.68 -10.64 -7.33
C ILE A 250 -31.32 -11.06 -8.65
N GLU A 251 -30.97 -12.24 -9.15
CA GLU A 251 -31.57 -12.69 -10.42
C GLU A 251 -33.06 -12.92 -10.28
N ASP A 252 -33.50 -13.50 -9.16
CA ASP A 252 -34.92 -13.69 -8.87
C ASP A 252 -35.58 -12.40 -8.35
N GLU A 253 -34.92 -11.24 -8.50
CA GLU A 253 -35.45 -9.88 -8.27
C GLU A 253 -36.05 -9.67 -6.89
N GLU A 254 -35.76 -10.55 -5.93
CA GLU A 254 -35.98 -10.22 -4.53
C GLU A 254 -35.08 -9.06 -4.08
N LYS A 255 -33.99 -8.77 -4.81
CA LYS A 255 -32.98 -7.78 -4.41
C LYS A 255 -32.29 -7.22 -5.68
N THR A 256 -31.42 -6.23 -5.46
CA THR A 256 -30.60 -5.69 -6.54
C THR A 256 -29.13 -5.61 -6.10
N ILE A 257 -28.23 -5.48 -7.07
CA ILE A 257 -26.82 -5.42 -6.69
C ILE A 257 -26.54 -4.21 -5.81
N GLU A 258 -27.21 -3.08 -6.07
CA GLU A 258 -27.06 -1.91 -5.19
C GLU A 258 -27.45 -2.21 -3.76
N ASP A 259 -28.44 -3.06 -3.55
CA ASP A 259 -28.81 -3.41 -2.20
C ASP A 259 -27.65 -4.05 -1.44
N TYR A 260 -26.71 -4.65 -2.16
CA TYR A 260 -25.64 -5.39 -1.50
C TYR A 260 -24.27 -4.71 -1.56
N ILE A 261 -24.14 -3.60 -2.30
CA ILE A 261 -22.85 -2.90 -2.42
C ILE A 261 -22.36 -2.54 -1.03
N ASP A 262 -21.05 -2.75 -0.81
CA ASP A 262 -20.44 -2.44 0.46
C ASP A 262 -20.72 -0.97 0.79
N LYS A 263 -21.29 -0.71 1.97
CA LYS A 263 -21.58 0.66 2.37
C LYS A 263 -20.35 1.36 2.92
N LYS A 264 -19.28 0.59 3.18
CA LYS A 264 -18.01 1.18 3.66
C LYS A 264 -17.18 1.57 2.43
N MET A 265 -17.69 2.48 1.61
CA MET A 265 -16.97 2.93 0.39
C MET A 265 -17.58 4.25 -0.05
N ASN A 266 -16.76 5.29 -0.25
CA ASN A 266 -17.33 6.58 -0.61
C ASN A 266 -17.17 6.91 -2.09
N ASP A 267 -16.60 6.02 -2.89
CA ASP A 267 -16.25 6.38 -4.26
C ASP A 267 -16.76 5.38 -5.29
N ALA A 268 -17.68 4.48 -4.94
CA ALA A 268 -18.18 3.53 -5.93
C ALA A 268 -19.14 4.24 -6.87
N ASP A 269 -19.21 3.77 -8.11
CA ASP A 269 -20.23 4.27 -9.02
C ASP A 269 -20.98 3.11 -9.64
N SER A 270 -22.29 3.32 -9.86
CA SER A 270 -23.17 2.24 -10.28
C SER A 270 -22.67 1.56 -11.56
N THR A 271 -22.12 2.32 -12.50
CA THR A 271 -21.81 1.69 -13.77
C THR A 271 -20.67 0.69 -13.64
N SER A 272 -19.58 1.05 -12.99
CA SER A 272 -18.48 0.11 -12.87
C SER A 272 -18.79 -1.01 -11.87
N VAL A 273 -19.61 -0.75 -10.85
CA VAL A 273 -19.99 -1.82 -9.94
C VAL A 273 -20.82 -2.86 -10.69
N GLU A 274 -21.79 -2.40 -11.49
CA GLU A 274 -22.59 -3.33 -12.28
C GLU A 274 -21.77 -4.05 -13.34
N ALA A 275 -20.75 -3.38 -13.88
CA ALA A 275 -19.80 -4.04 -14.78
C ALA A 275 -19.06 -5.15 -14.07
N MET A 276 -18.68 -4.94 -12.79
CA MET A 276 -17.92 -5.99 -12.12
C MET A 276 -18.87 -7.12 -11.73
N TYR A 277 -20.09 -6.75 -11.35
CA TYR A 277 -21.08 -7.75 -10.99
C TYR A 277 -21.42 -8.61 -12.20
N SER A 278 -21.48 -8.00 -13.37
CA SER A 278 -21.69 -8.75 -14.60
C SER A 278 -20.60 -9.81 -14.81
N VAL A 279 -19.32 -9.43 -14.65
CA VAL A 279 -18.23 -10.39 -14.72
C VAL A 279 -18.43 -11.49 -13.70
N ALA A 280 -18.74 -11.11 -12.46
CA ALA A 280 -18.91 -12.11 -11.41
C ALA A 280 -20.02 -13.09 -11.82
N SER A 281 -21.12 -12.55 -12.30
CA SER A 281 -22.27 -13.37 -12.68
C SER A 281 -21.92 -14.33 -13.81
N GLN A 282 -21.16 -13.85 -14.80
CA GLN A 282 -20.65 -14.75 -15.82
C GLN A 282 -19.72 -15.82 -15.25
N CYS A 283 -18.82 -15.46 -14.30
CA CYS A 283 -17.98 -16.51 -13.72
C CYS A 283 -18.78 -17.53 -12.91
N LEU A 284 -19.94 -17.16 -12.40
CA LEU A 284 -20.63 -18.02 -11.48
C LEU A 284 -21.64 -18.92 -12.20
N HIS A 285 -21.60 -18.96 -13.53
CA HIS A 285 -22.52 -19.83 -14.26
C HIS A 285 -22.29 -21.25 -13.79
N GLU A 286 -23.34 -21.91 -13.33
CA GLU A 286 -23.05 -23.19 -12.72
C GLU A 286 -22.77 -24.28 -13.74
N LYS A 287 -22.94 -23.99 -15.04
CA LYS A 287 -22.47 -24.88 -16.10
C LYS A 287 -21.05 -24.47 -16.51
N LYS A 288 -20.06 -25.30 -16.14
CA LYS A 288 -18.66 -24.93 -16.33
C LYS A 288 -18.37 -24.48 -17.75
N ASN A 289 -19.05 -25.09 -18.74
CA ASN A 289 -18.77 -24.74 -20.11
C ASN A 289 -19.33 -23.40 -20.52
N LYS A 290 -20.23 -22.82 -19.73
CA LYS A 290 -20.76 -21.52 -20.07
C LYS A 290 -19.94 -20.37 -19.46
N ARG A 291 -19.08 -20.63 -18.48
CA ARG A 291 -18.25 -19.58 -17.89
C ARG A 291 -17.26 -19.00 -18.88
N PRO A 292 -16.90 -17.72 -18.71
CA PRO A 292 -15.80 -17.15 -19.48
C PRO A 292 -14.48 -17.81 -19.09
N ASP A 293 -13.53 -17.82 -20.04
CA ASP A 293 -12.18 -18.17 -19.62
C ASP A 293 -11.50 -16.92 -19.04
N ILE A 294 -10.32 -17.13 -18.41
CA ILE A 294 -9.68 -16.04 -17.66
C ILE A 294 -9.33 -14.87 -18.59
N LYS A 295 -8.98 -15.15 -19.85
CA LYS A 295 -8.63 -14.05 -20.76
C LYS A 295 -9.82 -13.12 -21.00
N LYS A 296 -11.03 -13.68 -21.11
CA LYS A 296 -12.26 -12.88 -21.18
C LYS A 296 -12.53 -12.12 -19.89
N VAL A 297 -12.33 -12.77 -18.74
CA VAL A 297 -12.48 -12.08 -17.46
C VAL A 297 -11.53 -10.88 -17.39
N GLN A 298 -10.26 -11.09 -17.75
CA GLN A 298 -9.29 -10.00 -17.81
C GLN A 298 -9.77 -8.86 -18.67
N GLN A 299 -10.27 -9.18 -19.86
CA GLN A 299 -10.69 -8.13 -20.77
C GLN A 299 -11.89 -7.36 -20.22
N LEU A 300 -12.85 -8.09 -19.66
CA LEU A 300 -14.01 -7.41 -19.13
C LEU A 300 -13.59 -6.48 -17.99
N LEU A 301 -12.64 -6.94 -17.17
CA LEU A 301 -12.21 -6.13 -16.02
C LEU A 301 -11.43 -4.91 -16.47
N GLN A 302 -10.62 -5.03 -17.55
CA GLN A 302 -9.92 -3.84 -18.06
C GLN A 302 -10.92 -2.85 -18.64
N GLU A 303 -11.93 -3.32 -19.38
CA GLU A 303 -12.94 -2.43 -19.92
C GLU A 303 -13.77 -1.73 -18.84
N MET A 304 -13.87 -2.33 -17.64
CA MET A 304 -14.68 -1.77 -16.57
C MET A 304 -14.12 -0.43 -16.08
N THR A 305 -12.82 -0.22 -16.16
CA THR A 305 -12.26 1.07 -15.77
C THR A 305 -11.71 1.84 -16.96
N ALA A 306 -12.05 1.44 -18.18
CA ALA A 306 -11.66 2.16 -19.37
C ALA A 306 -12.55 3.40 -19.54
N ARG B 11 -1.57 4.39 -18.03
CA ARG B 11 -2.39 3.91 -16.92
C ARG B 11 -3.23 5.03 -16.31
N PHE B 12 -2.79 6.26 -16.51
CA PHE B 12 -3.47 7.47 -16.08
C PHE B 12 -4.58 7.86 -17.04
N HIS B 13 -5.60 8.57 -16.52
CA HIS B 13 -6.63 9.13 -17.40
C HIS B 13 -6.22 10.51 -17.91
N SER B 14 -6.56 10.80 -19.16
CA SER B 14 -6.27 12.11 -19.76
C SER B 14 -7.54 12.96 -19.74
N PHE B 15 -7.56 14.00 -18.90
CA PHE B 15 -8.64 14.98 -18.83
C PHE B 15 -8.36 16.13 -19.82
N SER B 16 -9.42 16.83 -20.23
CA SER B 16 -9.28 18.10 -20.95
C SER B 16 -9.37 19.24 -19.94
N PHE B 17 -8.60 20.31 -20.17
CA PHE B 17 -8.51 21.39 -19.18
C PHE B 17 -9.88 21.92 -18.81
N TYR B 18 -10.81 21.98 -19.77
CA TYR B 18 -12.11 22.53 -19.41
C TYR B 18 -12.80 21.66 -18.36
N GLU B 19 -12.67 20.33 -18.47
CA GLU B 19 -13.40 19.42 -17.55
C GLU B 19 -12.97 19.62 -16.08
N LEU B 20 -11.67 19.83 -15.88
CA LEU B 20 -11.18 20.11 -14.54
C LEU B 20 -11.64 21.49 -14.06
N LYS B 21 -11.84 22.44 -14.98
CA LYS B 21 -12.38 23.75 -14.62
C LYS B 21 -13.79 23.63 -14.06
N ASN B 22 -14.65 22.78 -14.66
CA ASN B 22 -16.03 22.70 -14.18
C ASN B 22 -16.12 22.13 -12.75
N VAL B 23 -15.33 21.11 -12.42
CA VAL B 23 -15.49 20.47 -11.10
C VAL B 23 -14.76 21.18 -9.98
N THR B 24 -13.95 22.19 -10.29
CA THR B 24 -13.30 23.03 -9.29
C THR B 24 -13.99 24.39 -9.17
N ASN B 25 -15.27 24.50 -9.59
CA ASN B 25 -16.01 25.77 -9.59
C ASN B 25 -15.24 26.81 -10.42
N ASN B 26 -14.77 26.36 -11.60
CA ASN B 26 -13.97 27.15 -12.54
C ASN B 26 -12.69 27.65 -11.87
N PHE B 27 -11.96 26.71 -11.27
CA PHE B 27 -10.72 26.97 -10.55
C PHE B 27 -10.88 28.17 -9.63
N ASP B 28 -11.87 28.05 -8.73
CA ASP B 28 -12.16 29.07 -7.75
C ASP B 28 -10.99 29.17 -6.78
N GLU B 29 -10.14 30.20 -6.94
CA GLU B 29 -8.91 30.27 -6.19
C GLU B 29 -9.10 30.76 -4.76
N ARG B 30 -10.33 31.07 -4.32
CA ARG B 30 -10.50 31.44 -2.93
C ARG B 30 -10.26 30.24 -2.05
N PRO B 31 -9.74 30.44 -0.84
CA PRO B 31 -9.56 29.30 0.08
C PRO B 31 -10.87 28.58 0.35
N ILE B 32 -10.77 27.25 0.51
CA ILE B 32 -11.87 26.41 0.99
C ILE B 32 -12.65 27.04 2.15
N SER B 33 -11.94 27.49 3.17
CA SER B 33 -12.61 27.98 4.38
C SER B 33 -13.46 29.21 4.10
N VAL B 34 -13.22 29.87 2.97
CA VAL B 34 -13.89 31.10 2.54
C VAL B 34 -15.01 30.82 1.53
N GLY B 35 -15.18 29.58 1.09
CA GLY B 35 -16.16 29.28 0.07
C GLY B 35 -15.60 28.99 -1.30
N GLY B 36 -14.27 28.98 -1.47
CA GLY B 36 -13.66 28.67 -2.74
C GLY B 36 -13.25 27.21 -2.80
N ASN B 37 -12.32 26.91 -3.70
CA ASN B 37 -11.82 25.54 -3.91
C ASN B 37 -10.34 25.38 -3.68
N LYS B 38 -9.63 26.42 -3.25
CA LYS B 38 -8.17 26.31 -3.07
C LYS B 38 -7.86 25.61 -1.76
N MET B 39 -7.06 24.52 -1.80
CA MET B 39 -6.74 23.86 -0.53
C MET B 39 -5.35 24.18 -0.01
N GLY B 40 -4.49 24.60 -0.91
CA GLY B 40 -3.13 25.01 -0.63
C GLY B 40 -2.51 25.40 -1.94
N GLU B 41 -1.25 25.82 -1.88
CA GLU B 41 -0.51 26.25 -3.07
C GLU B 41 0.96 26.13 -2.77
N GLY B 42 1.76 26.23 -3.82
CA GLY B 42 3.20 26.19 -3.69
C GLY B 42 3.87 27.05 -4.75
N GLY B 43 5.19 26.90 -4.88
CA GLY B 43 5.91 27.64 -5.90
C GLY B 43 5.53 27.26 -7.31
N PHE B 44 4.93 26.07 -7.52
CA PHE B 44 4.72 25.57 -8.86
C PHE B 44 3.26 25.37 -9.24
N GLY B 45 2.32 25.56 -8.31
CA GLY B 45 0.92 25.50 -8.71
C GLY B 45 0.01 25.79 -7.53
N VAL B 46 -1.28 25.74 -7.81
CA VAL B 46 -2.31 25.87 -6.79
C VAL B 46 -3.12 24.57 -6.80
N VAL B 47 -3.45 24.07 -5.62
CA VAL B 47 -4.15 22.80 -5.53
C VAL B 47 -5.59 23.09 -5.19
N TYR B 48 -6.50 22.60 -6.03
CA TYR B 48 -7.93 22.84 -5.85
C TYR B 48 -8.65 21.55 -5.50
N LYS B 49 -9.69 21.68 -4.69
CA LYS B 49 -10.57 20.53 -4.45
C LYS B 49 -11.54 20.38 -5.60
N GLY B 50 -11.80 19.12 -5.99
CA GLY B 50 -12.72 18.91 -7.09
C GLY B 50 -13.37 17.56 -6.96
N TYR B 51 -14.26 17.25 -7.92
CA TYR B 51 -15.09 16.04 -7.83
C TYR B 51 -15.18 15.43 -9.22
N VAL B 52 -14.80 14.16 -9.36
CA VAL B 52 -14.91 13.45 -10.63
C VAL B 52 -15.80 12.23 -10.38
N ASN B 53 -16.96 12.17 -11.06
CA ASN B 53 -17.94 11.13 -10.78
C ASN B 53 -18.34 11.09 -9.32
N ASN B 54 -17.90 10.05 -8.60
CA ASN B 54 -18.12 9.99 -7.15
C ASN B 54 -16.82 10.06 -6.34
N THR B 55 -15.73 10.56 -6.92
CA THR B 55 -14.43 10.62 -6.23
C THR B 55 -14.10 12.10 -5.97
N THR B 56 -13.85 12.47 -4.71
CA THR B 56 -13.24 13.79 -4.42
C THR B 56 -11.78 13.73 -4.82
N VAL B 57 -11.29 14.74 -5.52
CA VAL B 57 -9.95 14.71 -6.07
C VAL B 57 -9.26 16.04 -5.74
N ALA B 58 -7.95 16.01 -5.79
CA ALA B 58 -7.12 17.23 -5.71
C ALA B 58 -6.58 17.52 -7.09
N VAL B 59 -6.79 18.74 -7.55
CA VAL B 59 -6.38 19.11 -8.89
C VAL B 59 -5.28 20.15 -8.75
N LYS B 60 -4.08 19.79 -9.15
CA LYS B 60 -2.98 20.77 -9.10
C LYS B 60 -2.82 21.39 -10.48
N LYS B 61 -3.11 22.69 -10.58
CA LYS B 61 -2.96 23.46 -11.82
C LYS B 61 -1.63 24.20 -11.79
N LEU B 62 -0.75 23.88 -12.72
CA LEU B 62 0.60 24.41 -12.67
C LEU B 62 0.65 25.87 -13.09
N ALA B 63 1.55 26.61 -12.45
CA ALA B 63 1.75 28.04 -12.77
C ALA B 63 3.15 28.48 -12.35
N ILE B 68 9.86 31.13 -12.10
CA ILE B 68 10.33 30.06 -12.99
C ILE B 68 9.87 30.27 -14.45
N THR B 69 10.54 29.58 -15.37
CA THR B 69 10.28 29.68 -16.80
C THR B 69 9.27 28.62 -17.25
N THR B 70 8.63 28.87 -18.39
CA THR B 70 7.64 27.92 -18.91
C THR B 70 8.30 26.61 -19.33
N GLU B 71 9.48 26.67 -19.96
CA GLU B 71 10.19 25.45 -20.30
C GLU B 71 10.52 24.62 -19.05
N GLU B 72 10.92 25.30 -17.96
CA GLU B 72 11.20 24.60 -16.72
C GLU B 72 9.94 23.94 -16.16
N LEU B 73 8.81 24.66 -16.17
CA LEU B 73 7.55 24.15 -15.63
C LEU B 73 7.10 22.88 -16.35
N LYS B 74 7.03 22.93 -17.68
CA LYS B 74 6.58 21.75 -18.43
C LYS B 74 7.51 20.57 -18.20
N GLN B 75 8.79 20.84 -17.97
CA GLN B 75 9.72 19.75 -17.67
C GLN B 75 9.38 19.09 -16.34
N GLN B 76 8.98 19.89 -15.35
CA GLN B 76 8.66 19.33 -14.04
C GLN B 76 7.32 18.58 -14.08
N PHE B 77 6.34 19.10 -14.84
CA PHE B 77 5.12 18.33 -15.12
C PHE B 77 5.47 16.95 -15.68
N ASP B 78 6.34 16.90 -16.69
CA ASP B 78 6.71 15.62 -17.29
C ASP B 78 7.39 14.73 -16.27
N GLN B 79 8.22 15.32 -15.41
CA GLN B 79 8.91 14.53 -14.41
C GLN B 79 7.93 13.94 -13.40
N GLU B 80 6.92 14.70 -13.02
CA GLU B 80 5.94 14.20 -12.05
C GLU B 80 5.25 12.96 -12.60
N ILE B 81 4.80 13.02 -13.85
CA ILE B 81 4.10 11.89 -14.43
C ILE B 81 5.02 10.69 -14.58
N LYS B 82 6.26 10.93 -15.04
CA LYS B 82 7.24 9.86 -15.20
C LYS B 82 7.55 9.16 -13.87
N VAL B 83 7.77 9.94 -12.82
CA VAL B 83 8.02 9.33 -11.52
C VAL B 83 6.76 8.62 -11.01
N MET B 84 5.60 9.29 -11.12
CA MET B 84 4.36 8.68 -10.63
C MET B 84 4.00 7.42 -11.41
N ALA B 85 4.32 7.37 -12.70
CA ALA B 85 4.03 6.16 -13.44
C ALA B 85 4.82 4.98 -12.88
N LYS B 86 6.06 5.22 -12.46
CA LYS B 86 6.97 4.15 -12.05
C LYS B 86 6.85 3.79 -10.58
N CYS B 87 6.32 4.67 -9.73
CA CYS B 87 6.34 4.53 -8.28
C CYS B 87 4.93 4.50 -7.72
N GLN B 88 4.45 3.30 -7.41
CA GLN B 88 3.24 3.10 -6.64
C GLN B 88 3.62 2.55 -5.26
N HIS B 89 3.12 3.18 -4.20
CA HIS B 89 3.44 2.74 -2.85
C HIS B 89 2.45 3.43 -1.93
N GLU B 90 2.05 2.73 -0.86
CA GLU B 90 1.10 3.23 0.12
C GLU B 90 1.55 4.52 0.80
N ASN B 91 2.87 4.83 0.82
CA ASN B 91 3.28 6.08 1.44
C ASN B 91 3.68 7.12 0.40
N LEU B 92 3.19 6.98 -0.83
CA LEU B 92 3.34 8.01 -1.85
C LEU B 92 1.96 8.44 -2.31
N VAL B 93 1.80 9.73 -2.62
CA VAL B 93 0.53 10.16 -3.21
C VAL B 93 0.34 9.41 -4.52
N GLU B 94 -0.91 9.33 -4.97
CA GLU B 94 -1.28 8.56 -6.16
C GLU B 94 -1.82 9.51 -7.22
N LEU B 95 -1.18 9.53 -8.38
CA LEU B 95 -1.70 10.31 -9.51
C LEU B 95 -2.84 9.55 -10.20
N LEU B 96 -3.98 10.22 -10.40
CA LEU B 96 -5.08 9.59 -11.13
C LEU B 96 -5.09 9.95 -12.60
N GLY B 97 -4.61 11.13 -12.97
CA GLY B 97 -4.60 11.55 -14.36
C GLY B 97 -4.03 12.95 -14.48
N PHE B 98 -4.16 13.54 -15.67
CA PHE B 98 -3.60 14.86 -15.91
C PHE B 98 -4.36 15.52 -17.04
N SER B 99 -4.07 16.80 -17.24
CA SER B 99 -4.48 17.60 -18.39
C SER B 99 -3.29 18.31 -18.98
N SER B 100 -3.14 18.23 -20.29
CA SER B 100 -2.06 18.96 -20.96
C SER B 100 -2.56 19.77 -22.14
N ASP B 101 -3.81 19.58 -22.57
CA ASP B 101 -4.29 20.16 -23.81
C ASP B 101 -4.32 21.70 -23.77
N GLY B 102 -4.71 22.28 -22.65
CA GLY B 102 -4.69 23.72 -22.55
C GLY B 102 -3.26 24.26 -22.49
N ASP B 103 -3.15 25.58 -22.59
CA ASP B 103 -1.86 26.20 -22.31
C ASP B 103 -1.51 26.15 -20.81
N ASP B 104 -2.32 25.43 -20.04
CA ASP B 104 -2.07 25.17 -18.63
C ASP B 104 -1.98 23.67 -18.39
N LEU B 105 -1.21 23.29 -17.37
CA LEU B 105 -0.91 21.89 -17.06
C LEU B 105 -1.60 21.54 -15.75
N CYS B 106 -2.29 20.39 -15.71
CA CYS B 106 -3.01 19.95 -14.52
C CYS B 106 -2.66 18.52 -14.14
N LEU B 107 -2.53 18.26 -12.84
CA LEU B 107 -2.32 16.93 -12.30
C LEU B 107 -3.45 16.62 -11.32
N VAL B 108 -4.07 15.45 -11.44
CA VAL B 108 -5.21 15.07 -10.59
C VAL B 108 -4.82 13.90 -9.69
N TYR B 109 -5.05 14.04 -8.39
CA TYR B 109 -4.63 13.09 -7.37
C TYR B 109 -5.82 12.69 -6.53
N VAL B 110 -5.64 11.55 -5.86
CA VAL B 110 -6.57 11.10 -4.84
C VAL B 110 -6.58 12.14 -3.73
N TYR B 111 -7.78 12.55 -3.31
CA TYR B 111 -7.93 13.51 -2.22
C TYR B 111 -7.50 12.90 -0.90
N MET B 112 -6.78 13.70 -0.11
CA MET B 112 -6.19 13.26 1.15
C MET B 112 -6.95 14.04 2.23
N PRO B 113 -7.90 13.38 2.93
CA PRO B 113 -8.83 14.10 3.82
C PRO B 113 -8.19 14.88 4.94
N ASN B 114 -6.98 14.51 5.38
CA ASN B 114 -6.36 15.25 6.46
C ASN B 114 -5.27 16.20 5.98
N GLY B 115 -5.17 16.45 4.68
CA GLY B 115 -4.31 17.56 4.27
C GLY B 115 -2.84 17.29 4.53
N SER B 116 -2.09 18.36 4.79
CA SER B 116 -0.65 18.20 4.95
C SER B 116 -0.26 18.03 6.42
N LEU B 117 0.85 17.33 6.65
CA LEU B 117 1.43 17.27 7.98
C LEU B 117 1.72 18.66 8.55
N LEU B 118 2.20 19.56 7.69
CA LEU B 118 2.49 20.94 8.15
C LEU B 118 1.22 21.54 8.76
N ASP B 119 0.12 21.46 8.02
CA ASP B 119 -1.12 22.05 8.50
C ASP B 119 -1.63 21.32 9.73
N ARG B 120 -1.47 20.00 9.80
CA ARG B 120 -1.95 19.31 11.00
C ARG B 120 -1.06 19.58 12.21
N LEU B 121 0.26 19.78 12.01
CA LEU B 121 1.09 20.14 13.16
C LEU B 121 0.73 21.54 13.68
N SER B 122 0.27 22.43 12.82
CA SER B 122 -0.10 23.75 13.30
C SER B 122 -1.58 23.82 13.69
N CYS B 123 -2.30 22.74 13.51
CA CYS B 123 -3.72 22.63 13.84
C CYS B 123 -4.51 23.64 13.03
N LEU B 124 -4.06 23.86 11.79
CA LEU B 124 -4.72 24.84 10.93
C LEU B 124 -6.21 24.52 10.79
N ASP B 125 -7.03 25.59 10.81
CA ASP B 125 -8.48 25.51 10.63
C ASP B 125 -9.16 24.75 11.78
N GLY B 126 -8.47 24.56 12.89
CA GLY B 126 -9.10 24.00 14.07
C GLY B 126 -9.08 22.50 14.22
N THR B 127 -8.22 21.79 13.50
CA THR B 127 -8.18 20.34 13.64
C THR B 127 -7.52 20.02 14.97
N PRO B 128 -7.86 18.89 15.58
CA PRO B 128 -7.26 18.56 16.85
C PRO B 128 -5.79 18.19 16.71
N PRO B 129 -4.99 18.47 17.75
CA PRO B 129 -3.56 18.11 17.72
C PRO B 129 -3.36 16.63 17.47
N LEU B 130 -2.29 16.32 16.73
CA LEU B 130 -1.92 14.93 16.50
C LEU B 130 -1.33 14.34 17.76
N SER B 131 -1.79 13.12 18.09
CA SER B 131 -1.25 12.45 19.27
C SER B 131 0.17 11.98 19.01
N TRP B 132 0.90 11.67 20.09
CA TRP B 132 2.23 11.08 19.89
C TRP B 132 2.14 9.75 19.13
N HIS B 133 1.13 8.92 19.42
CA HIS B 133 1.04 7.64 18.71
C HIS B 133 0.86 7.87 17.24
N MET B 134 0.03 8.85 16.87
CA MET B 134 -0.17 9.10 15.44
C MET B 134 1.12 9.71 14.83
N ARG B 135 1.80 10.59 15.57
CA ARG B 135 3.04 11.15 15.06
C ARG B 135 4.07 10.07 14.78
N CYS B 136 4.11 9.02 15.63
CA CYS B 136 5.06 7.92 15.35
C CYS B 136 4.69 7.20 14.06
N LYS B 137 3.40 6.92 13.86
CA LYS B 137 3.01 6.20 12.65
C LYS B 137 3.30 7.02 11.42
N ILE B 138 3.10 8.34 11.52
CA ILE B 138 3.38 9.24 10.41
C ILE B 138 4.86 9.26 10.10
N ALA B 139 5.71 9.29 11.14
CA ALA B 139 7.15 9.33 10.90
C ALA B 139 7.60 8.05 10.21
N GLN B 140 7.08 6.91 10.66
CA GLN B 140 7.43 5.62 10.06
C GLN B 140 6.95 5.56 8.64
N GLY B 141 5.71 5.99 8.40
CA GLY B 141 5.17 5.97 7.06
C GLY B 141 5.96 6.84 6.10
N ALA B 142 6.31 8.06 6.52
CA ALA B 142 7.08 8.93 5.65
C ALA B 142 8.46 8.32 5.38
N ALA B 143 9.07 7.66 6.37
CA ALA B 143 10.36 7.02 6.13
C ALA B 143 10.21 5.85 5.17
N ASN B 144 9.08 5.16 5.24
CA ASN B 144 8.83 4.06 4.31
C ASN B 144 8.70 4.58 2.88
N GLY B 145 8.02 5.71 2.72
CA GLY B 145 7.90 6.31 1.40
C GLY B 145 9.22 6.81 0.84
N ILE B 146 10.04 7.48 1.66
CA ILE B 146 11.37 7.88 1.19
C ILE B 146 12.20 6.64 0.84
N ASN B 147 12.12 5.61 1.68
CA ASN B 147 12.87 4.38 1.38
C ASN B 147 12.45 3.77 0.04
N PHE B 148 11.16 3.76 -0.24
CA PHE B 148 10.73 3.30 -1.55
C PHE B 148 11.34 4.13 -2.67
N LEU B 149 11.32 5.47 -2.51
CA LEU B 149 11.89 6.33 -3.56
C LEU B 149 13.39 6.07 -3.75
N HIS B 150 14.13 5.96 -2.67
CA HIS B 150 15.58 5.77 -2.79
C HIS B 150 15.91 4.38 -3.34
N GLU B 151 15.20 3.34 -2.89
CA GLU B 151 15.33 1.99 -3.47
C GLU B 151 15.13 1.99 -4.96
N ASN B 152 14.24 2.85 -5.45
CA ASN B 152 13.98 2.99 -6.88
C ASN B 152 14.78 4.09 -7.51
N HIS B 153 15.86 4.54 -6.84
CA HIS B 153 16.88 5.46 -7.38
C HIS B 153 16.32 6.82 -7.74
N HIS B 154 15.44 7.35 -6.89
CA HIS B 154 14.95 8.71 -7.05
C HIS B 154 15.38 9.52 -5.85
N ILE B 155 15.83 10.76 -6.08
CA ILE B 155 16.09 11.73 -5.04
C ILE B 155 14.95 12.72 -5.06
N HIS B 156 14.32 12.95 -3.91
CA HIS B 156 13.13 13.79 -3.93
C HIS B 156 13.48 15.26 -4.09
N ARG B 157 14.44 15.77 -3.28
CA ARG B 157 15.01 17.14 -3.31
C ARG B 157 14.15 18.19 -2.67
N ASP B 158 12.93 17.88 -2.21
CA ASP B 158 12.15 18.87 -1.48
C ASP B 158 11.32 18.20 -0.38
N ILE B 159 11.93 17.34 0.44
CA ILE B 159 11.24 16.76 1.59
C ILE B 159 10.96 17.84 2.62
N LYS B 160 9.68 17.99 3.03
CA LYS B 160 9.30 18.96 4.05
C LYS B 160 7.90 18.57 4.48
N SER B 161 7.45 19.13 5.59
CA SER B 161 6.14 18.66 6.07
C SER B 161 5.00 19.11 5.16
N ALA B 162 5.20 20.18 4.36
CA ALA B 162 4.12 20.56 3.45
C ALA B 162 3.95 19.53 2.32
N ASN B 163 4.95 18.70 2.07
CA ASN B 163 4.88 17.67 1.04
C ASN B 163 4.63 16.30 1.60
N ILE B 164 4.20 16.20 2.86
CA ILE B 164 3.77 14.92 3.40
C ILE B 164 2.28 15.06 3.67
N LEU B 165 1.47 14.29 2.92
CA LEU B 165 0.03 14.44 3.06
C LEU B 165 -0.50 13.29 3.89
N LEU B 166 -1.76 13.43 4.34
CA LEU B 166 -2.32 12.49 5.32
C LEU B 166 -3.72 12.06 4.89
N ASP B 167 -3.91 10.76 4.74
CA ASP B 167 -5.24 10.26 4.37
C ASP B 167 -6.13 10.15 5.61
N GLU B 168 -7.30 9.47 5.45
CA GLU B 168 -8.28 9.49 6.53
C GLU B 168 -7.74 8.81 7.78
N ALA B 169 -6.87 7.82 7.62
CA ALA B 169 -6.27 7.13 8.77
C ALA B 169 -4.92 7.73 9.18
N PHE B 170 -4.61 8.92 8.68
CA PHE B 170 -3.33 9.60 8.95
C PHE B 170 -2.15 8.78 8.43
N THR B 171 -2.37 8.02 7.36
CA THR B 171 -1.24 7.44 6.65
C THR B 171 -0.50 8.54 5.92
N ALA B 172 0.83 8.57 6.08
CA ALA B 172 1.64 9.60 5.47
C ALA B 172 1.89 9.30 4.00
N LYS B 173 1.77 10.33 3.15
CA LYS B 173 1.98 10.17 1.72
C LYS B 173 2.96 11.21 1.21
N ILE B 174 4.10 10.75 0.70
CA ILE B 174 5.06 11.74 0.19
C ILE B 174 4.50 12.30 -1.11
N SER B 175 4.68 13.59 -1.32
CA SER B 175 4.08 14.32 -2.43
C SER B 175 5.15 15.14 -3.19
N ASP B 176 4.79 15.55 -4.42
CA ASP B 176 5.52 16.56 -5.21
C ASP B 176 6.88 16.12 -5.76
N PHE B 177 6.88 15.35 -6.85
CA PHE B 177 8.13 14.85 -7.44
C PHE B 177 8.52 15.62 -8.71
N GLY B 178 8.05 16.85 -8.87
CA GLY B 178 8.43 17.67 -10.01
C GLY B 178 9.92 17.98 -10.05
N LEU B 179 10.60 17.99 -8.91
CA LEU B 179 12.03 18.29 -8.90
C LEU B 179 12.90 17.05 -8.77
N ALA B 180 12.29 15.86 -8.73
CA ALA B 180 13.02 14.65 -8.43
C ALA B 180 14.10 14.41 -9.47
N ARG B 181 15.15 13.69 -9.05
CA ARG B 181 16.31 13.37 -9.90
C ARG B 181 16.72 11.92 -9.73
N ALA B 182 17.30 11.35 -10.77
CA ALA B 182 17.72 9.97 -10.60
C ALA B 182 19.02 9.93 -9.81
N SER B 183 19.27 8.82 -9.14
CA SER B 183 20.56 8.59 -8.49
C SER B 183 21.16 7.29 -9.01
N THR B 189 29.71 13.98 -5.81
CA THR B 189 28.96 13.29 -6.85
C THR B 189 28.39 14.27 -7.87
N VAL B 190 27.09 14.50 -7.80
CA VAL B 190 26.39 15.25 -8.84
C VAL B 190 26.22 16.71 -8.38
N MET B 191 26.59 17.66 -9.22
CA MET B 191 26.38 19.06 -8.86
C MET B 191 25.65 19.85 -9.96
N TPO B 192 24.77 20.77 -9.58
CA TPO B 192 23.94 21.52 -10.55
CB TPO B 192 22.41 21.08 -10.44
CG2 TPO B 192 21.96 21.17 -8.99
OG1 TPO B 192 21.55 21.95 -11.20
P TPO B 192 21.14 21.26 -12.61
O1P TPO B 192 19.58 21.47 -12.92
O2P TPO B 192 22.03 21.96 -13.77
O3P TPO B 192 21.44 19.81 -12.56
C TPO B 192 24.03 23.04 -10.38
O TPO B 192 24.37 23.54 -9.30
N SER B 193 23.66 23.78 -11.43
CA SER B 193 23.63 25.25 -11.40
C SER B 193 22.30 25.84 -10.91
N ARG B 194 21.25 25.04 -10.88
CA ARG B 194 19.90 25.48 -10.47
C ARG B 194 19.65 24.87 -9.08
N ILE B 195 19.81 25.67 -8.04
CA ILE B 195 19.71 25.17 -6.68
C ILE B 195 18.24 25.26 -6.28
N VAL B 196 17.66 24.12 -5.91
CA VAL B 196 16.23 24.02 -5.61
C VAL B 196 16.06 23.35 -4.26
N GLY B 197 14.91 23.61 -3.65
CA GLY B 197 14.63 23.15 -2.31
C GLY B 197 14.03 24.27 -1.48
N THR B 198 13.73 23.94 -0.23
CA THR B 198 13.18 24.88 0.72
C THR B 198 14.25 25.12 1.79
N THR B 199 14.74 26.37 1.86
CA THR B 199 16.01 26.67 2.56
C THR B 199 16.03 26.09 3.97
N ALA B 200 14.94 26.29 4.72
CA ALA B 200 14.88 25.88 6.12
C ALA B 200 15.01 24.40 6.32
N TYR B 201 14.83 23.60 5.25
CA TYR B 201 14.96 22.16 5.32
C TYR B 201 16.22 21.62 4.68
N MET B 202 17.03 22.44 3.99
CA MET B 202 18.04 21.87 3.10
C MET B 202 19.33 21.55 3.80
N ALA B 203 19.94 20.47 3.36
CA ALA B 203 21.24 20.08 3.81
C ALA B 203 22.28 21.09 3.30
N PRO B 204 23.34 21.32 4.06
CA PRO B 204 24.38 22.25 3.58
C PRO B 204 24.88 21.89 2.18
N GLU B 205 25.13 20.61 1.90
CA GLU B 205 25.64 20.30 0.55
C GLU B 205 24.58 20.59 -0.50
N ALA B 206 23.27 20.39 -0.19
CA ALA B 206 22.27 20.71 -1.19
C ALA B 206 22.23 22.19 -1.45
N LEU B 207 22.44 23.01 -0.42
CA LEU B 207 22.44 24.44 -0.59
C LEU B 207 23.62 24.90 -1.47
N ARG B 208 24.66 24.11 -1.58
CA ARG B 208 25.78 24.46 -2.47
C ARG B 208 25.63 23.88 -3.85
N GLY B 209 24.51 23.21 -4.14
CA GLY B 209 24.24 22.73 -5.48
C GLY B 209 24.51 21.27 -5.68
N GLU B 210 24.89 20.55 -4.63
CA GLU B 210 25.14 19.13 -4.70
C GLU B 210 23.82 18.38 -4.74
N ILE B 211 23.76 17.30 -5.52
CA ILE B 211 22.56 16.46 -5.67
C ILE B 211 22.86 15.06 -5.16
N THR B 212 22.20 14.68 -4.06
CA THR B 212 22.48 13.39 -3.46
C THR B 212 21.29 12.96 -2.63
N PRO B 213 20.96 11.67 -2.59
CA PRO B 213 19.95 11.19 -1.65
C PRO B 213 20.26 11.53 -0.21
N LYS B 214 21.54 11.72 0.13
CA LYS B 214 21.87 12.06 1.50
C LYS B 214 21.20 13.34 1.95
N SER B 215 20.89 14.23 1.01
CA SER B 215 20.27 15.48 1.38
C SER B 215 18.80 15.27 1.79
N ASP B 216 18.14 14.31 1.14
CA ASP B 216 16.76 13.96 1.57
C ASP B 216 16.73 13.52 3.04
N ILE B 217 17.77 12.79 3.46
CA ILE B 217 17.83 12.30 4.84
C ILE B 217 17.91 13.45 5.83
N TYR B 218 18.73 14.45 5.52
CA TYR B 218 18.84 15.65 6.35
C TYR B 218 17.49 16.37 6.44
N SER B 219 16.87 16.61 5.28
CA SER B 219 15.56 17.24 5.26
C SER B 219 14.54 16.44 6.08
N PHE B 220 14.61 15.12 6.04
CA PHE B 220 13.68 14.31 6.88
C PHE B 220 13.96 14.50 8.37
N GLY B 221 15.23 14.67 8.76
CA GLY B 221 15.55 15.05 10.14
C GLY B 221 14.87 16.34 10.59
N VAL B 222 14.81 17.34 9.72
CA VAL B 222 14.08 18.56 10.06
C VAL B 222 12.58 18.26 10.28
N VAL B 223 11.99 17.47 9.39
CA VAL B 223 10.60 16.98 9.58
C VAL B 223 10.43 16.28 10.90
N LEU B 224 11.36 15.41 11.28
CA LEU B 224 11.23 14.76 12.57
C LEU B 224 11.26 15.76 13.72
N LEU B 225 12.09 16.81 13.64
CA LEU B 225 12.00 17.84 14.66
C LEU B 225 10.67 18.57 14.65
N GLU B 226 10.09 18.81 13.46
CA GLU B 226 8.74 19.39 13.43
C GLU B 226 7.75 18.49 14.14
N ILE B 227 7.84 17.18 13.89
CA ILE B 227 6.91 16.24 14.52
C ILE B 227 7.07 16.23 16.04
N ILE B 228 8.33 16.24 16.52
CA ILE B 228 8.57 16.21 17.99
C ILE B 228 8.08 17.48 18.68
N THR B 229 8.31 18.64 18.06
CA THR B 229 8.12 19.92 18.74
C THR B 229 6.83 20.60 18.36
N GLY B 230 6.23 20.25 17.23
CA GLY B 230 5.16 21.07 16.68
C GLY B 230 5.54 22.41 16.13
N LEU B 231 6.82 22.71 16.05
CA LEU B 231 7.23 24.04 15.60
C LEU B 231 7.48 24.03 14.10
N PRO B 232 7.08 25.06 13.35
CA PRO B 232 7.49 25.14 11.93
C PRO B 232 9.01 25.26 11.77
N ALA B 233 9.50 24.81 10.61
CA ALA B 233 10.94 24.76 10.39
C ALA B 233 11.53 26.14 10.39
N VAL B 234 10.75 27.14 9.99
CA VAL B 234 11.18 28.54 10.07
C VAL B 234 10.03 29.37 10.58
N ASP B 235 10.33 30.36 11.42
CA ASP B 235 9.33 31.28 11.94
C ASP B 235 10.04 32.59 12.19
N GLU B 236 9.71 33.60 11.39
CA GLU B 236 10.48 34.85 11.45
C GLU B 236 10.34 35.51 12.80
N HIS B 237 9.19 35.31 13.47
CA HIS B 237 8.90 35.92 14.76
C HIS B 237 9.27 35.03 15.93
N ARG B 238 10.23 34.14 15.75
CA ARG B 238 10.67 33.20 16.78
C ARG B 238 12.16 33.27 16.95
N GLU B 239 12.62 32.99 18.17
CA GLU B 239 14.04 32.92 18.50
C GLU B 239 14.31 31.50 18.96
N PRO B 240 15.13 30.68 18.25
CA PRO B 240 15.75 30.90 16.94
C PRO B 240 14.74 30.82 15.82
N GLN B 241 15.03 31.48 14.72
CA GLN B 241 14.10 31.50 13.62
C GLN B 241 14.08 30.15 12.90
N LEU B 242 15.21 29.44 12.90
CA LEU B 242 15.32 28.15 12.20
C LEU B 242 15.25 27.02 13.22
N LEU B 243 14.32 26.09 13.00
CA LEU B 243 14.18 24.98 13.93
C LEU B 243 15.48 24.19 14.07
N LEU B 244 16.23 24.08 12.97
CA LEU B 244 17.39 23.21 13.04
C LEU B 244 18.46 23.76 13.98
N ASP B 245 18.40 25.06 14.31
CA ASP B 245 19.26 25.59 15.33
C ASP B 245 18.92 25.06 16.75
N ILE B 246 17.79 24.38 16.97
CA ILE B 246 17.56 23.90 18.33
C ILE B 246 18.40 22.68 18.61
N LYS B 247 18.79 21.92 17.58
CA LYS B 247 19.73 20.83 17.80
C LYS B 247 21.00 21.33 18.43
N GLU B 248 21.47 22.50 17.98
CA GLU B 248 22.71 23.04 18.53
C GLU B 248 22.50 23.50 19.96
N GLU B 249 21.37 24.13 20.26
CA GLU B 249 21.05 24.52 21.62
C GLU B 249 21.00 23.31 22.56
N ILE B 250 20.40 22.22 22.12
CA ILE B 250 20.31 21.00 22.95
C ILE B 250 21.67 20.33 23.06
N GLU B 251 22.42 20.27 21.96
CA GLU B 251 23.72 19.62 21.99
C GLU B 251 24.71 20.37 22.87
N ASP B 252 24.60 21.71 22.95
CA ASP B 252 25.38 22.54 23.87
C ASP B 252 24.77 22.64 25.27
N GLU B 253 23.79 21.79 25.61
CA GLU B 253 23.13 21.70 26.93
C GLU B 253 22.61 23.04 27.43
N GLU B 254 22.48 24.05 26.57
CA GLU B 254 21.62 25.19 26.89
C GLU B 254 20.14 24.80 27.05
N LYS B 255 19.72 23.63 26.56
CA LYS B 255 18.33 23.17 26.63
C LYS B 255 18.30 21.63 26.53
N THR B 256 17.11 21.06 26.70
CA THR B 256 16.92 19.60 26.60
C THR B 256 15.77 19.32 25.63
N ILE B 257 15.72 18.11 25.08
CA ILE B 257 14.68 17.83 24.09
C ILE B 257 13.30 17.96 24.75
N GLU B 258 13.20 17.59 26.04
CA GLU B 258 11.94 17.77 26.77
C GLU B 258 11.55 19.24 26.84
N ASP B 259 12.53 20.16 26.80
CA ASP B 259 12.19 21.57 26.77
C ASP B 259 11.43 21.95 25.52
N TYR B 260 11.57 21.18 24.44
CA TYR B 260 10.97 21.61 23.19
C TYR B 260 9.83 20.71 22.75
N ILE B 261 9.56 19.63 23.47
CA ILE B 261 8.52 18.69 23.05
C ILE B 261 7.19 19.45 22.93
N ASP B 262 6.43 19.14 21.88
CA ASP B 262 5.11 19.74 21.69
C ASP B 262 4.27 19.52 22.97
N LYS B 263 3.75 20.61 23.54
CA LYS B 263 2.92 20.45 24.75
C LYS B 263 1.50 19.99 24.39
N LYS B 264 1.17 19.98 23.10
CA LYS B 264 -0.18 19.65 22.68
C LYS B 264 -0.34 18.15 22.53
N MET B 265 0.18 17.37 23.45
CA MET B 265 -0.10 15.94 23.45
C MET B 265 0.05 15.47 24.89
N ASN B 266 -0.61 14.37 25.25
CA ASN B 266 -0.37 13.85 26.59
C ASN B 266 -0.11 12.35 26.60
N ASP B 267 0.25 11.78 25.45
CA ASP B 267 0.54 10.35 25.30
C ASP B 267 2.01 10.13 24.88
N ALA B 268 2.88 11.10 25.08
CA ALA B 268 4.27 10.94 24.69
C ALA B 268 5.11 10.52 25.89
N ASP B 269 5.82 9.41 25.76
CA ASP B 269 6.73 9.00 26.82
C ASP B 269 8.15 9.42 26.49
N SER B 270 8.96 9.67 27.51
CA SER B 270 10.28 10.24 27.26
C SER B 270 11.18 9.29 26.48
N THR B 271 10.94 7.97 26.60
CA THR B 271 11.82 7.00 25.94
C THR B 271 11.68 7.07 24.42
N SER B 272 10.44 7.05 23.90
CA SER B 272 10.34 7.04 22.45
C SER B 272 10.53 8.44 21.86
N VAL B 273 10.23 9.50 22.62
CA VAL B 273 10.57 10.84 22.15
C VAL B 273 12.07 10.95 22.01
N GLU B 274 12.83 10.44 22.98
CA GLU B 274 14.28 10.53 22.86
C GLU B 274 14.80 9.63 21.75
N ALA B 275 14.12 8.49 21.54
CA ALA B 275 14.47 7.62 20.42
C ALA B 275 14.24 8.35 19.11
N MET B 276 13.15 9.12 19.00
CA MET B 276 12.93 9.80 17.73
C MET B 276 13.90 10.95 17.58
N TYR B 277 14.16 11.66 18.68
CA TYR B 277 15.13 12.75 18.63
C TYR B 277 16.52 12.23 18.20
N SER B 278 16.90 11.05 18.68
CA SER B 278 18.18 10.48 18.32
C SER B 278 18.28 10.21 16.82
N VAL B 279 17.20 9.69 16.21
CA VAL B 279 17.16 9.54 14.76
C VAL B 279 17.27 10.88 14.07
N ALA B 280 16.52 11.87 14.56
CA ALA B 280 16.57 13.17 13.91
C ALA B 280 18.00 13.74 13.95
N SER B 281 18.65 13.61 15.11
CA SER B 281 20.00 14.13 15.30
C SER B 281 20.99 13.44 14.35
N GLN B 282 20.86 12.12 14.19
CA GLN B 282 21.66 11.38 13.22
C GLN B 282 21.41 11.85 11.79
N CYS B 283 20.15 12.11 11.42
CA CYS B 283 19.86 12.64 10.08
C CYS B 283 20.45 14.01 9.89
N LEU B 284 20.64 14.76 10.96
CA LEU B 284 21.01 16.14 10.83
C LEU B 284 22.53 16.33 10.88
N HIS B 285 23.31 15.26 10.91
CA HIS B 285 24.78 15.44 10.86
C HIS B 285 25.12 16.33 9.68
N GLU B 286 25.90 17.38 9.95
CA GLU B 286 26.25 18.32 8.89
C GLU B 286 27.15 17.67 7.84
N LYS B 287 27.92 16.65 8.22
CA LYS B 287 28.73 15.89 7.27
C LYS B 287 27.87 14.82 6.60
N LYS B 288 27.65 14.99 5.29
CA LYS B 288 26.71 14.13 4.57
C LYS B 288 27.04 12.66 4.74
N ASN B 289 28.31 12.31 4.89
CA ASN B 289 28.64 10.90 4.93
C ASN B 289 28.47 10.28 6.31
N LYS B 290 28.29 11.09 7.35
CA LYS B 290 28.02 10.53 8.66
C LYS B 290 26.51 10.30 8.92
N ARG B 291 25.65 10.66 7.97
CA ARG B 291 24.20 10.46 8.13
C ARG B 291 23.83 9.01 7.85
N PRO B 292 22.84 8.48 8.57
CA PRO B 292 22.31 7.17 8.22
C PRO B 292 21.67 7.25 6.86
N ASP B 293 21.67 6.12 6.14
CA ASP B 293 20.87 6.01 4.94
C ASP B 293 19.42 5.70 5.34
N ILE B 294 18.51 5.71 4.37
CA ILE B 294 17.07 5.64 4.71
C ILE B 294 16.71 4.27 5.30
N LYS B 295 17.31 3.18 4.80
CA LYS B 295 17.04 1.90 5.41
C LYS B 295 17.35 1.92 6.91
N LYS B 296 18.45 2.56 7.32
CA LYS B 296 18.76 2.61 8.74
C LYS B 296 17.76 3.48 9.49
N VAL B 297 17.40 4.63 8.91
CA VAL B 297 16.36 5.47 9.51
C VAL B 297 15.07 4.65 9.70
N GLN B 298 14.66 3.88 8.69
CA GLN B 298 13.51 2.99 8.83
C GLN B 298 13.62 2.07 10.05
N GLN B 299 14.73 1.34 10.18
CA GLN B 299 14.81 0.39 11.29
C GLN B 299 14.84 1.12 12.61
N LEU B 300 15.53 2.24 12.69
CA LEU B 300 15.52 2.96 13.95
C LEU B 300 14.09 3.37 14.32
N LEU B 301 13.32 3.83 13.34
CA LEU B 301 11.96 4.25 13.65
C LEU B 301 11.07 3.06 13.98
N GLN B 302 11.31 1.90 13.35
CA GLN B 302 10.60 0.68 13.76
C GLN B 302 10.99 0.26 15.18
N GLU B 303 12.30 0.20 15.46
CA GLU B 303 12.76 -0.08 16.84
C GLU B 303 12.11 0.85 17.88
N MET B 304 11.81 2.11 17.51
CA MET B 304 11.15 3.07 18.42
C MET B 304 9.89 2.50 19.06
N THR B 305 9.04 1.88 18.26
CA THR B 305 7.72 1.50 18.74
C THR B 305 7.63 0.03 19.13
N1 WFQ C . 0.87 -15.94 3.74
N3 WFQ C . 0.54 -9.05 7.04
C4 WFQ C . 1.76 -15.08 3.20
C5 WFQ C . 2.07 -13.78 3.61
C6 WFQ C . 1.97 -11.84 5.05
C7 WFQ C . 1.06 -11.07 5.96
C8 WFQ C . 1.39 -9.76 6.21
C10 WFQ C . -0.55 -7.59 8.28
C13 WFQ C . -1.47 -4.44 9.34
C15 WFQ C . -0.10 -5.12 9.14
C17 WFQ C . -0.61 -9.65 7.57
C20 WFQ C . -2.75 -12.99 5.91
C21 WFQ C . -1.51 -14.92 6.92
C22 WFQ C . 3.05 -13.37 2.70
C1 WFQ C . 1.42 -18.84 1.35
C11 WFQ C . -1.04 -6.35 8.96
C12 WFQ C . -1.79 -6.39 10.29
C14 WFQ C . -1.55 -2.94 9.22
C16 WFQ C . -2.01 -5.37 8.24
C18 WFQ C . -0.09 -11.63 6.57
C19 WFQ C . -1.63 -13.42 6.84
C2 WFQ C . 1.58 -17.48 1.99
C23 WFQ C . 2.45 -16.55 1.46
C3 WFQ C . 0.82 -17.13 3.13
C9 WFQ C . 0.53 -7.73 7.46
N2 WFQ C . 1.54 -13.05 4.68
N4 WFQ C . -1.26 -8.76 8.33
N5 WFQ C . -0.90 -10.95 7.33
N6 WFQ C . 3.33 -14.31 1.80
N7 WFQ C . 2.53 -15.35 2.11
O1 WFQ C . 3.01 -11.35 4.63
O2 WFQ C . -2.02 -4.99 10.53
O3 WFQ C . -0.35 -12.91 6.32
N1 WFQ D . -1.45 18.19 -3.14
N3 WFQ D . -6.95 18.47 2.06
C4 WFQ D . -2.13 17.02 -3.10
C5 WFQ D . -3.28 16.73 -2.38
C6 WFQ D . -5.12 17.28 -0.89
C7 WFQ D . -5.51 18.17 0.24
C8 WFQ D . -6.58 17.71 0.97
C10 WFQ D . -7.88 19.39 3.83
C13 WFQ D . -9.81 19.66 6.66
C15 WFQ D . -10.09 19.03 5.29
C17 WFQ D . -6.28 19.67 2.36
C20 WFQ D . -2.16 20.39 1.50
C21 WFQ D . -2.16 21.30 -0.86
C22 WFQ D . -3.52 15.38 -2.66
C1 WFQ D . 1.31 17.11 -5.49
C11 WFQ D . -8.69 19.70 5.01
C12 WFQ D . -8.90 21.18 5.33
C14 WFQ D . -10.65 19.17 7.80
C16 WFQ D . -8.31 19.25 6.44
C18 WFQ D . -4.88 19.40 0.60
C19 WFQ D . -2.99 20.89 0.34
C2 WFQ D . 0.06 17.04 -4.63
C23 WFQ D . -0.61 15.85 -4.51
C3 WFQ D . -0.41 18.17 -3.95
C9 WFQ D . -7.95 18.31 3.00
N2 WFQ D . -4.01 17.63 -1.58
N4 WFQ D . -6.86 20.21 3.45
N5 WFQ D . -5.25 20.12 1.63
N6 WFQ D . -2.61 14.84 -3.47
N7 WFQ D . -1.76 15.87 -3.74
O1 WFQ D . -5.72 16.25 -1.11
O2 WFQ D . -9.80 21.05 6.46
O3 WFQ D . -3.83 19.79 -0.15
#